data_7E4L
#
_entry.id   7E4L
#
_cell.length_a   46.205
_cell.length_b   46.398
_cell.length_c   66.544
_cell.angle_alpha   83.53
_cell.angle_beta   80.43
_cell.angle_gamma   68.57
#
_symmetry.space_group_name_H-M   'P 1'
#
loop_
_entity.id
_entity.type
_entity.pdbx_description
1 polymer 'PfkB domain-containing protein'
2 non-polymer 'METHYLENEDIPHOSPHONIC ACID'
3 non-polymer 'MAGNESIUM ION'
4 water water
#
_entity_poly.entity_id   1
_entity_poly.type   'polypeptide(L)'
_entity_poly.pdbx_seq_one_letter_code
;MITFIGHVSKDVNVVDGKREIAYGGGVVMGAITSSLLGVKTKVITKCTREDVSKFSFLRDNGVEVVFLKSPRTTSIELRY
GSDPDTRELFLISAADPFTESDLAFIEGEAVHINPLWYGEFPEDLIPVLRRKVMFLSADAQGFVRVPENEKLVYRDWEMK
EKYLKYLDLFKVDSREAETLTGTNDLRESCRIIRSFGAKIILATHASGVIVFDGNFYEASFRSWSLEGRTGRGDTCTAAF
LVGFVFKKMSIEKATKFAAAVTSVKMRHPGPLRREDLEAISGDQYF
;
_entity_poly.pdbx_strand_id   A,B
#
loop_
_chem_comp.id
_chem_comp.type
_chem_comp.name
_chem_comp.formula
MDN non-polymer 'METHYLENEDIPHOSPHONIC ACID' 'C H6 O6 P2'
MG non-polymer 'MAGNESIUM ION' 'Mg 2'
#
# COMPACT_ATOMS: atom_id res chain seq x y z
N MET A 1 0.76 15.90 -24.99
CA MET A 1 -0.25 15.49 -24.00
C MET A 1 -0.98 14.23 -24.49
N ILE A 2 -1.32 13.31 -23.58
CA ILE A 2 -2.01 12.04 -23.90
C ILE A 2 -3.27 11.96 -23.06
N THR A 3 -4.34 11.43 -23.64
CA THR A 3 -5.61 11.14 -22.93
C THR A 3 -5.87 9.64 -22.99
N PHE A 4 -6.08 9.03 -21.83
CA PHE A 4 -6.55 7.64 -21.65
C PHE A 4 -8.06 7.65 -21.42
N ILE A 5 -8.81 6.88 -22.21
CA ILE A 5 -10.28 6.75 -22.09
C ILE A 5 -10.57 5.32 -21.63
N GLY A 6 -11.22 5.18 -20.49
CA GLY A 6 -11.60 3.85 -19.99
C GLY A 6 -12.17 3.89 -18.59
N HIS A 7 -12.89 2.84 -18.24
CA HIS A 7 -13.48 2.62 -16.90
C HIS A 7 -12.37 2.40 -15.87
N VAL A 8 -12.45 3.12 -14.76
CA VAL A 8 -11.80 2.67 -13.49
C VAL A 8 -12.59 1.46 -12.98
N SER A 9 -11.94 0.58 -12.24
CA SER A 9 -12.53 -0.71 -11.81
C SER A 9 -12.23 -0.98 -10.33
N LYS A 10 -13.23 -1.51 -9.64
CA LYS A 10 -13.06 -2.11 -8.29
C LYS A 10 -12.66 -3.56 -8.55
N ASP A 11 -11.35 -3.83 -8.54
CA ASP A 11 -10.79 -5.17 -8.84
C ASP A 11 -10.81 -6.01 -7.56
N VAL A 12 -11.50 -7.15 -7.60
CA VAL A 12 -11.54 -8.16 -6.50
C VAL A 12 -10.65 -9.33 -6.90
N ASN A 13 -9.52 -9.52 -6.21
CA ASN A 13 -8.57 -10.63 -6.47
C ASN A 13 -8.64 -11.62 -5.31
N VAL A 14 -9.02 -12.87 -5.58
CA VAL A 14 -8.91 -14.00 -4.61
C VAL A 14 -7.66 -14.80 -4.99
N VAL A 15 -6.55 -14.55 -4.28
CA VAL A 15 -5.23 -15.18 -4.57
C VAL A 15 -4.66 -15.75 -3.26
N ASP A 16 -4.36 -17.05 -3.29
CA ASP A 16 -3.72 -17.80 -2.16
C ASP A 16 -4.58 -17.65 -0.91
N GLY A 17 -5.90 -17.75 -1.09
CA GLY A 17 -6.90 -17.77 0.01
C GLY A 17 -7.31 -16.39 0.48
N LYS A 18 -6.68 -15.31 0.00
CA LYS A 18 -6.90 -13.92 0.48
C LYS A 18 -7.66 -13.11 -0.58
N ARG A 19 -8.75 -12.46 -0.16
CA ARG A 19 -9.58 -11.58 -1.03
C ARG A 19 -9.03 -10.15 -0.95
N GLU A 20 -8.54 -9.62 -2.07
CA GLU A 20 -7.91 -8.29 -2.18
C GLU A 20 -8.79 -7.38 -3.01
N ILE A 21 -9.02 -6.15 -2.53
CA ILE A 21 -9.66 -5.05 -3.30
C ILE A 21 -8.56 -4.12 -3.81
N ALA A 22 -8.54 -3.90 -5.12
CA ALA A 22 -7.61 -2.96 -5.80
C ALA A 22 -8.46 -1.96 -6.57
N TYR A 23 -8.26 -0.67 -6.33
CA TYR A 23 -8.89 0.41 -7.12
C TYR A 23 -7.94 0.70 -8.28
N GLY A 24 -8.25 0.14 -9.44
CA GLY A 24 -7.36 0.14 -10.61
C GLY A 24 -8.14 0.32 -11.89
N GLY A 25 -7.81 -0.48 -12.90
CA GLY A 25 -8.30 -0.36 -14.29
C GLY A 25 -7.15 -0.05 -15.23
N GLY A 26 -7.30 -0.40 -16.50
CA GLY A 26 -6.30 -0.09 -17.55
C GLY A 26 -5.86 1.36 -17.49
N VAL A 27 -6.82 2.30 -17.40
CA VAL A 27 -6.53 3.77 -17.49
C VAL A 27 -5.72 4.18 -16.26
N VAL A 28 -5.96 3.58 -15.11
CA VAL A 28 -5.21 3.94 -13.88
C VAL A 28 -3.74 3.57 -14.08
N MET A 29 -3.48 2.34 -14.52
CA MET A 29 -2.11 1.79 -14.72
C MET A 29 -1.41 2.57 -15.82
N GLY A 30 -2.06 2.80 -16.95
CA GLY A 30 -1.43 3.52 -18.07
C GLY A 30 -1.20 4.98 -17.75
N ALA A 31 -2.19 5.67 -17.17
CA ALA A 31 -2.13 7.13 -16.95
C ALA A 31 -1.05 7.48 -15.94
N ILE A 32 -0.90 6.67 -14.90
CA ILE A 32 0.11 6.91 -13.84
C ILE A 32 1.50 6.72 -14.46
N THR A 33 1.66 5.73 -15.34
CA THR A 33 2.95 5.49 -16.05
C THR A 33 3.28 6.73 -16.91
N SER A 34 2.37 7.19 -17.77
CA SER A 34 2.66 8.33 -18.68
C SER A 34 2.92 9.59 -17.85
N SER A 35 2.16 9.82 -16.79
CA SER A 35 2.28 11.05 -15.97
C SER A 35 3.63 11.03 -15.27
N LEU A 36 4.02 9.88 -14.70
CA LEU A 36 5.26 9.82 -13.87
C LEU A 36 6.46 9.95 -14.80
N LEU A 37 6.33 9.51 -16.05
CA LEU A 37 7.38 9.60 -17.09
C LEU A 37 7.37 10.99 -17.73
N GLY A 38 6.53 11.91 -17.23
CA GLY A 38 6.67 13.36 -17.49
C GLY A 38 5.92 13.81 -18.73
N VAL A 39 4.92 13.05 -19.17
CA VAL A 39 3.98 13.49 -20.24
C VAL A 39 2.67 13.93 -19.58
N LYS A 40 2.21 15.13 -19.92
CA LYS A 40 0.92 15.68 -19.43
C LYS A 40 -0.16 14.67 -19.80
N THR A 41 -0.89 14.18 -18.80
CA THR A 41 -1.79 13.01 -18.94
C THR A 41 -3.19 13.40 -18.46
N LYS A 42 -4.19 12.97 -19.21
CA LYS A 42 -5.62 13.12 -18.86
C LYS A 42 -6.30 11.76 -18.92
N VAL A 43 -7.23 11.52 -18.01
CA VAL A 43 -8.10 10.32 -17.99
C VAL A 43 -9.54 10.81 -18.13
N ILE A 44 -10.28 10.21 -19.05
CA ILE A 44 -11.76 10.30 -19.13
C ILE A 44 -12.29 8.95 -18.66
N THR A 45 -13.03 8.94 -17.56
CA THR A 45 -13.58 7.70 -16.97
C THR A 45 -15.03 7.93 -16.52
N LYS A 46 -15.68 6.84 -16.13
CA LYS A 46 -17.04 6.83 -15.55
C LYS A 46 -17.02 5.98 -14.28
N CYS A 47 -17.65 6.48 -13.22
CA CYS A 47 -17.92 5.74 -11.97
C CYS A 47 -18.97 6.51 -11.18
N THR A 48 -19.50 5.91 -10.12
CA THR A 48 -20.45 6.60 -9.21
C THR A 48 -19.69 7.72 -8.52
N ARG A 49 -20.39 8.81 -8.17
CA ARG A 49 -19.77 9.93 -7.42
C ARG A 49 -19.19 9.39 -6.12
N GLU A 50 -19.87 8.44 -5.47
CA GLU A 50 -19.43 7.82 -4.18
C GLU A 50 -18.07 7.12 -4.34
N ASP A 51 -17.75 6.59 -5.52
CA ASP A 51 -16.50 5.79 -5.72
C ASP A 51 -15.34 6.68 -6.18
N VAL A 52 -15.59 7.96 -6.47
CA VAL A 52 -14.54 8.89 -7.01
C VAL A 52 -13.36 8.95 -6.03
N SER A 53 -13.63 9.00 -4.71
CA SER A 53 -12.61 9.13 -3.65
CA SER A 53 -12.61 9.13 -3.64
C SER A 53 -11.65 7.92 -3.66
N LYS A 54 -12.11 6.78 -4.15
CA LYS A 54 -11.28 5.53 -4.23
C LYS A 54 -10.20 5.69 -5.29
N PHE A 55 -10.32 6.66 -6.21
CA PHE A 55 -9.41 6.87 -7.35
C PHE A 55 -8.71 8.23 -7.26
N SER A 56 -8.69 8.86 -6.08
CA SER A 56 -8.05 10.18 -5.78
C SER A 56 -6.56 10.14 -6.10
N PHE A 57 -5.94 8.98 -5.90
CA PHE A 57 -4.49 8.74 -6.09
C PHE A 57 -4.07 9.07 -7.55
N LEU A 58 -4.97 9.01 -8.54
CA LEU A 58 -4.68 9.46 -9.92
C LEU A 58 -4.19 10.92 -9.89
N ARG A 59 -4.93 11.82 -9.25
CA ARG A 59 -4.56 13.26 -9.13
C ARG A 59 -3.24 13.39 -8.34
N ASP A 60 -2.99 12.52 -7.35
CA ASP A 60 -1.74 12.50 -6.55
C ASP A 60 -0.52 12.25 -7.45
N ASN A 61 -0.70 11.55 -8.57
CA ASN A 61 0.39 11.17 -9.50
C ASN A 61 0.43 12.15 -10.70
N GLY A 62 -0.36 13.22 -10.64
CA GLY A 62 -0.33 14.34 -11.60
C GLY A 62 -1.30 14.17 -12.77
N VAL A 63 -2.19 13.17 -12.71
CA VAL A 63 -3.14 12.84 -13.80
C VAL A 63 -4.37 13.76 -13.67
N GLU A 64 -4.69 14.53 -14.71
CA GLU A 64 -5.95 15.28 -14.80
C GLU A 64 -7.08 14.28 -15.07
N VAL A 65 -8.08 14.18 -14.19
CA VAL A 65 -9.16 13.17 -14.36
C VAL A 65 -10.49 13.87 -14.61
N VAL A 66 -11.20 13.41 -15.63
CA VAL A 66 -12.64 13.75 -15.82
C VAL A 66 -13.43 12.54 -15.33
N PHE A 67 -14.02 12.68 -14.14
CA PHE A 67 -14.88 11.65 -13.50
C PHE A 67 -16.31 11.88 -13.97
N LEU A 68 -16.67 11.32 -15.13
CA LEU A 68 -18.03 11.44 -15.68
C LEU A 68 -18.95 10.57 -14.82
N LYS A 69 -20.19 11.01 -14.64
CA LYS A 69 -21.17 10.36 -13.74
C LYS A 69 -21.63 9.06 -14.39
N SER A 70 -21.81 8.03 -13.57
CA SER A 70 -22.40 6.73 -13.95
C SER A 70 -23.24 6.24 -12.77
N PRO A 71 -24.40 5.59 -13.00
CA PRO A 71 -25.20 5.05 -11.90
C PRO A 71 -24.49 3.87 -11.20
N ARG A 72 -23.53 3.23 -11.88
CA ARG A 72 -22.73 2.11 -11.31
C ARG A 72 -21.25 2.33 -11.62
N THR A 73 -20.39 1.72 -10.82
CA THR A 73 -18.93 1.62 -11.08
C THR A 73 -18.65 0.23 -11.63
N THR A 74 -17.75 0.12 -12.60
CA THR A 74 -17.27 -1.19 -13.09
C THR A 74 -16.57 -1.93 -11.95
N SER A 75 -16.89 -3.21 -11.78
CA SER A 75 -16.24 -4.07 -10.76
C SER A 75 -15.98 -5.45 -11.37
N ILE A 76 -14.75 -5.94 -11.26
CA ILE A 76 -14.31 -7.23 -11.87
C ILE A 76 -13.67 -8.10 -10.79
N GLU A 77 -14.14 -9.34 -10.66
CA GLU A 77 -13.60 -10.35 -9.71
C GLU A 77 -12.90 -11.46 -10.50
N LEU A 78 -11.67 -11.81 -10.09
CA LEU A 78 -10.81 -12.84 -10.73
C LEU A 78 -10.47 -13.93 -9.71
N ARG A 87 -9.20 -20.05 -12.83
CA ARG A 87 -9.44 -18.59 -12.74
C ARG A 87 -10.49 -18.18 -13.77
N GLU A 88 -11.59 -17.55 -13.32
CA GLU A 88 -12.67 -16.98 -14.18
C GLU A 88 -12.95 -15.53 -13.76
N LEU A 89 -13.09 -14.63 -14.74
CA LEU A 89 -13.35 -13.17 -14.52
C LEU A 89 -14.85 -12.91 -14.62
N PHE A 90 -15.42 -12.23 -13.63
CA PHE A 90 -16.87 -11.89 -13.57
C PHE A 90 -17.04 -10.37 -13.47
N LEU A 91 -17.78 -9.78 -14.41
CA LEU A 91 -18.21 -8.37 -14.40
C LEU A 91 -19.37 -8.26 -13.40
N ILE A 92 -19.05 -7.95 -12.13
CA ILE A 92 -20.02 -7.83 -11.00
C ILE A 92 -20.97 -6.68 -11.30
N SER A 93 -20.43 -5.53 -11.74
CA SER A 93 -21.18 -4.32 -12.13
C SER A 93 -20.43 -3.62 -13.28
N ALA A 94 -21.17 -2.90 -14.13
CA ALA A 94 -20.64 -2.19 -15.31
C ALA A 94 -21.10 -0.73 -15.25
N ALA A 95 -20.14 0.19 -15.27
CA ALA A 95 -20.40 1.65 -15.47
C ALA A 95 -20.99 1.85 -16.86
N ASP A 96 -21.58 3.02 -17.10
CA ASP A 96 -22.19 3.42 -18.40
C ASP A 96 -21.12 3.43 -19.49
N PRO A 97 -21.44 2.99 -20.72
CA PRO A 97 -20.53 3.14 -21.87
C PRO A 97 -20.16 4.61 -22.16
N PHE A 98 -18.99 4.79 -22.77
CA PHE A 98 -18.57 6.08 -23.35
C PHE A 98 -19.43 6.39 -24.57
N THR A 99 -19.59 7.68 -24.83
CA THR A 99 -20.42 8.22 -25.92
C THR A 99 -19.57 9.17 -26.75
N GLU A 100 -20.03 9.44 -27.97
CA GLU A 100 -19.41 10.47 -28.84
C GLU A 100 -19.37 11.80 -28.08
N SER A 101 -20.42 12.15 -27.33
CA SER A 101 -20.47 13.39 -26.50
C SER A 101 -19.26 13.46 -25.56
N ASP A 102 -18.80 12.33 -25.01
CA ASP A 102 -17.67 12.27 -24.04
C ASP A 102 -16.35 12.60 -24.74
N LEU A 103 -16.30 12.52 -26.08
CA LEU A 103 -15.05 12.74 -26.87
C LEU A 103 -14.91 14.23 -27.23
N ALA A 104 -15.95 15.03 -26.99
CA ALA A 104 -16.08 16.44 -27.43
C ALA A 104 -14.82 17.23 -27.08
N PHE A 105 -14.35 17.10 -25.83
CA PHE A 105 -13.26 17.92 -25.22
C PHE A 105 -11.95 17.11 -25.20
N ILE A 106 -11.66 16.37 -26.28
CA ILE A 106 -10.43 15.53 -26.42
C ILE A 106 -9.23 16.45 -26.64
N GLU A 107 -8.12 16.21 -25.93
CA GLU A 107 -6.91 17.07 -25.94
C GLU A 107 -5.65 16.24 -26.15
N GLY A 108 -4.76 16.74 -27.01
CA GLY A 108 -3.35 16.32 -27.07
C GLY A 108 -2.98 15.65 -28.38
N GLU A 109 -1.79 15.06 -28.39
CA GLU A 109 -1.14 14.36 -29.54
C GLU A 109 -1.71 12.94 -29.65
N ALA A 110 -2.10 12.33 -28.55
CA ALA A 110 -2.35 10.88 -28.47
C ALA A 110 -3.58 10.60 -27.62
N VAL A 111 -4.35 9.61 -28.04
CA VAL A 111 -5.43 9.05 -27.18
C VAL A 111 -5.26 7.53 -27.19
N HIS A 112 -5.30 6.94 -26.00
CA HIS A 112 -5.28 5.47 -25.82
C HIS A 112 -6.65 5.02 -25.29
N ILE A 113 -7.31 4.16 -26.04
CA ILE A 113 -8.61 3.54 -25.67
C ILE A 113 -8.26 2.30 -24.84
N ASN A 114 -8.57 2.31 -23.55
CA ASN A 114 -8.18 1.20 -22.64
C ASN A 114 -9.42 0.69 -21.92
N PRO A 115 -10.35 0.01 -22.64
CA PRO A 115 -11.57 -0.51 -22.03
C PRO A 115 -11.36 -1.86 -21.34
N LEU A 116 -12.27 -2.20 -20.41
CA LEU A 116 -12.22 -3.42 -19.59
C LEU A 116 -13.15 -4.51 -20.14
N TRP A 117 -14.15 -4.14 -20.93
CA TRP A 117 -15.18 -5.09 -21.41
C TRP A 117 -15.80 -4.59 -22.73
N TYR A 118 -16.16 -5.53 -23.60
CA TYR A 118 -16.75 -5.21 -24.92
C TYR A 118 -18.12 -4.55 -24.72
N GLY A 119 -18.25 -3.31 -25.18
CA GLY A 119 -19.46 -2.47 -25.03
C GLY A 119 -19.20 -1.26 -24.15
N GLU A 120 -18.09 -1.25 -23.40
CA GLU A 120 -17.68 -0.08 -22.57
C GLU A 120 -17.35 1.08 -23.50
N PHE A 121 -16.62 0.77 -24.57
CA PHE A 121 -16.19 1.75 -25.59
C PHE A 121 -16.67 1.25 -26.95
N PRO A 122 -17.82 1.75 -27.45
CA PRO A 122 -18.34 1.28 -28.72
C PRO A 122 -17.31 1.48 -29.85
N GLU A 123 -17.13 0.42 -30.65
CA GLU A 123 -16.11 0.34 -31.72
C GLU A 123 -16.31 1.49 -32.72
N ASP A 124 -17.54 1.94 -32.93
CA ASP A 124 -17.87 2.98 -33.94
C ASP A 124 -17.52 4.39 -33.44
N LEU A 125 -16.99 4.52 -32.20
N LEU A 125 -16.99 4.52 -32.21
CA LEU A 125 -16.35 5.76 -31.69
CA LEU A 125 -16.36 5.77 -31.72
C LEU A 125 -14.92 5.88 -32.22
C LEU A 125 -14.92 5.89 -32.24
N ILE A 126 -14.36 4.79 -32.78
CA ILE A 126 -12.93 4.77 -33.21
C ILE A 126 -12.73 5.74 -34.38
N PRO A 127 -13.56 5.70 -35.45
CA PRO A 127 -13.39 6.64 -36.55
C PRO A 127 -13.63 8.09 -36.12
N VAL A 128 -14.44 8.32 -35.09
CA VAL A 128 -14.70 9.69 -34.55
C VAL A 128 -13.40 10.22 -33.94
N LEU A 129 -12.77 9.44 -33.06
CA LEU A 129 -11.49 9.81 -32.38
C LEU A 129 -10.38 9.97 -33.42
N ARG A 130 -10.36 9.11 -34.44
CA ARG A 130 -9.30 9.11 -35.47
C ARG A 130 -9.14 10.53 -36.01
N ARG A 131 -10.25 11.22 -36.26
CA ARG A 131 -10.29 12.59 -36.84
C ARG A 131 -9.77 13.64 -35.83
N LYS A 132 -9.84 13.34 -34.53
CA LYS A 132 -9.58 14.32 -33.43
C LYS A 132 -8.12 14.29 -32.96
N VAL A 133 -7.31 13.30 -33.34
CA VAL A 133 -5.96 13.13 -32.73
C VAL A 133 -4.97 12.54 -33.73
N MET A 134 -3.69 12.84 -33.53
CA MET A 134 -2.58 12.43 -34.43
C MET A 134 -2.21 10.96 -34.20
N PHE A 135 -2.16 10.50 -32.94
CA PHE A 135 -1.77 9.10 -32.62
C PHE A 135 -2.88 8.45 -31.78
N LEU A 136 -3.53 7.44 -32.35
CA LEU A 136 -4.66 6.73 -31.71
C LEU A 136 -4.28 5.26 -31.47
N SER A 137 -4.41 4.79 -30.24
CA SER A 137 -4.17 3.36 -29.92
C SER A 137 -5.34 2.78 -29.12
N ALA A 138 -5.42 1.46 -29.06
CA ALA A 138 -6.44 0.75 -28.27
C ALA A 138 -5.86 -0.54 -27.69
N ASP A 139 -6.47 -0.98 -26.61
CA ASP A 139 -6.16 -2.26 -25.93
C ASP A 139 -7.21 -3.28 -26.36
N ALA A 140 -6.79 -4.44 -26.84
CA ALA A 140 -7.68 -5.52 -27.34
C ALA A 140 -8.66 -5.96 -26.25
N GLN A 141 -8.30 -5.88 -24.97
CA GLN A 141 -9.17 -6.37 -23.86
C GLN A 141 -10.59 -5.82 -24.01
N GLY A 142 -10.70 -4.54 -24.39
CA GLY A 142 -11.99 -3.84 -24.50
C GLY A 142 -12.81 -4.28 -25.70
N PHE A 143 -12.31 -5.20 -26.53
CA PHE A 143 -13.06 -5.64 -27.75
C PHE A 143 -13.19 -7.17 -27.84
N VAL A 144 -12.43 -7.92 -27.05
CA VAL A 144 -12.49 -9.41 -27.09
C VAL A 144 -12.93 -9.97 -25.73
N ARG A 145 -12.98 -9.16 -24.67
CA ARG A 145 -13.46 -9.65 -23.35
C ARG A 145 -14.93 -9.26 -23.19
N VAL A 146 -15.82 -10.22 -23.37
CA VAL A 146 -17.29 -9.99 -23.57
C VAL A 146 -18.03 -10.48 -22.34
N PRO A 147 -18.90 -9.64 -21.73
CA PRO A 147 -19.73 -10.10 -20.62
C PRO A 147 -20.83 -11.04 -21.16
N GLU A 148 -20.87 -12.27 -20.66
CA GLU A 148 -21.93 -13.27 -20.92
C GLU A 148 -22.39 -13.80 -19.54
N ASN A 149 -23.59 -13.39 -19.11
CA ASN A 149 -24.16 -13.68 -17.77
C ASN A 149 -23.11 -13.36 -16.70
N GLU A 150 -22.52 -12.16 -16.77
CA GLU A 150 -21.50 -11.64 -15.81
C GLU A 150 -20.11 -12.16 -16.20
N LYS A 151 -19.97 -13.48 -16.40
CA LYS A 151 -18.72 -14.12 -16.89
C LYS A 151 -18.15 -13.29 -18.04
N LEU A 152 -16.91 -12.79 -17.89
CA LEU A 152 -16.15 -12.18 -19.00
C LEU A 152 -15.46 -13.31 -19.78
N VAL A 153 -15.91 -13.56 -21.00
CA VAL A 153 -15.40 -14.67 -21.87
C VAL A 153 -14.72 -14.05 -23.08
N TYR A 154 -13.77 -14.77 -23.67
CA TYR A 154 -12.99 -14.32 -24.85
C TYR A 154 -13.77 -14.67 -26.11
N ARG A 155 -14.08 -13.65 -26.90
CA ARG A 155 -14.78 -13.75 -28.21
C ARG A 155 -14.04 -12.87 -29.23
N ASP A 156 -13.89 -13.37 -30.45
CA ASP A 156 -13.26 -12.61 -31.56
C ASP A 156 -13.95 -11.25 -31.70
N TRP A 157 -13.22 -10.27 -32.21
CA TRP A 157 -13.71 -8.90 -32.51
C TRP A 157 -14.19 -8.88 -33.98
N GLU A 158 -15.49 -9.03 -34.19
CA GLU A 158 -16.12 -9.28 -35.53
C GLU A 158 -15.71 -8.14 -36.49
N MET A 159 -15.70 -6.90 -36.00
CA MET A 159 -15.47 -5.68 -36.81
C MET A 159 -14.00 -5.23 -36.73
N LYS A 160 -13.08 -6.11 -36.29
CA LYS A 160 -11.63 -5.82 -36.19
C LYS A 160 -11.07 -5.35 -37.54
N GLU A 161 -11.54 -5.90 -38.66
CA GLU A 161 -10.96 -5.61 -40.01
C GLU A 161 -11.37 -4.20 -40.46
N LYS A 162 -12.47 -3.67 -39.93
CA LYS A 162 -12.94 -2.30 -40.24
C LYS A 162 -12.19 -1.29 -39.37
N TYR A 163 -11.96 -1.58 -38.09
CA TYR A 163 -11.54 -0.56 -37.11
C TYR A 163 -10.02 -0.61 -36.87
N LEU A 164 -9.36 -1.76 -37.03
CA LEU A 164 -7.90 -1.84 -36.75
C LEU A 164 -7.14 -0.86 -37.67
N LYS A 165 -7.67 -0.59 -38.87
CA LYS A 165 -7.03 0.32 -39.86
C LYS A 165 -6.94 1.76 -39.32
N TYR A 166 -7.77 2.13 -38.33
CA TYR A 166 -7.80 3.48 -37.72
C TYR A 166 -6.76 3.61 -36.60
N LEU A 167 -6.08 2.51 -36.21
CA LEU A 167 -5.20 2.54 -35.01
C LEU A 167 -3.72 2.60 -35.41
N ASP A 168 -2.99 3.53 -34.82
CA ASP A 168 -1.51 3.59 -34.93
C ASP A 168 -0.86 2.51 -34.07
N LEU A 169 -1.52 2.10 -32.98
CA LEU A 169 -1.00 1.00 -32.13
C LEU A 169 -2.17 0.21 -31.55
N PHE A 170 -2.00 -1.11 -31.50
CA PHE A 170 -2.97 -2.05 -30.90
C PHE A 170 -2.21 -2.94 -29.92
N LYS A 171 -2.67 -2.96 -28.67
CA LYS A 171 -2.09 -3.74 -27.55
C LYS A 171 -2.87 -5.05 -27.43
N VAL A 172 -2.14 -6.17 -27.38
CA VAL A 172 -2.71 -7.52 -27.09
C VAL A 172 -1.85 -8.17 -26.01
N ASP A 173 -2.40 -9.16 -25.32
CA ASP A 173 -1.59 -10.22 -24.67
C ASP A 173 -1.83 -11.54 -25.42
N SER A 174 -1.26 -12.63 -24.93
CA SER A 174 -1.27 -13.96 -25.61
C SER A 174 -2.70 -14.43 -25.86
N ARG A 175 -3.53 -14.41 -24.81
CA ARG A 175 -4.94 -14.88 -24.86
C ARG A 175 -5.73 -14.00 -25.82
N GLU A 176 -5.52 -12.68 -25.79
CA GLU A 176 -6.24 -11.73 -26.69
C GLU A 176 -5.81 -12.00 -28.14
N ALA A 177 -4.51 -12.14 -28.40
CA ALA A 177 -3.96 -12.39 -29.74
C ALA A 177 -4.54 -13.68 -30.31
N GLU A 178 -4.56 -14.76 -29.52
CA GLU A 178 -5.08 -16.09 -29.94
C GLU A 178 -6.58 -15.98 -30.21
N THR A 179 -7.32 -15.21 -29.41
CA THR A 179 -8.77 -14.96 -29.63
C THR A 179 -8.96 -14.32 -31.02
N LEU A 180 -8.07 -13.42 -31.40
CA LEU A 180 -8.19 -12.61 -32.64
C LEU A 180 -7.68 -13.35 -33.88
N THR A 181 -6.92 -14.44 -33.73
CA THR A 181 -6.17 -15.06 -34.86
C THR A 181 -6.40 -16.58 -34.96
N GLY A 182 -6.72 -17.26 -33.85
CA GLY A 182 -6.87 -18.72 -33.82
C GLY A 182 -5.55 -19.46 -33.66
N THR A 183 -4.42 -18.76 -33.54
CA THR A 183 -3.08 -19.35 -33.29
C THR A 183 -2.53 -18.84 -31.96
N ASN A 184 -1.80 -19.71 -31.23
CA ASN A 184 -1.06 -19.33 -30.00
C ASN A 184 0.40 -19.00 -30.31
N ASP A 185 0.79 -18.88 -31.60
CA ASP A 185 2.09 -18.28 -32.02
C ASP A 185 1.93 -16.75 -31.98
N LEU A 186 2.47 -16.10 -30.95
CA LEU A 186 2.25 -14.65 -30.72
C LEU A 186 2.86 -13.84 -31.88
N ARG A 187 4.04 -14.22 -32.35
CA ARG A 187 4.68 -13.55 -33.52
C ARG A 187 3.76 -13.68 -34.72
N GLU A 188 3.27 -14.90 -35.00
CA GLU A 188 2.36 -15.14 -36.15
C GLU A 188 1.08 -14.32 -35.95
N SER A 189 0.55 -14.27 -34.73
CA SER A 189 -0.68 -13.48 -34.43
C SER A 189 -0.40 -11.98 -34.68
N CYS A 190 0.82 -11.51 -34.41
CA CYS A 190 1.24 -10.11 -34.73
C CYS A 190 1.14 -9.89 -36.25
N ARG A 191 1.69 -10.80 -37.06
N ARG A 191 1.70 -10.80 -37.06
CA ARG A 191 1.65 -10.73 -38.54
CA ARG A 191 1.64 -10.71 -38.54
C ARG A 191 0.19 -10.66 -39.01
C ARG A 191 0.17 -10.64 -38.98
N ILE A 192 -0.67 -11.53 -38.46
CA ILE A 192 -2.11 -11.64 -38.85
C ILE A 192 -2.83 -10.34 -38.45
N ILE A 193 -2.63 -9.86 -37.23
CA ILE A 193 -3.36 -8.65 -36.74
C ILE A 193 -2.89 -7.41 -37.50
N ARG A 194 -1.61 -7.30 -37.85
CA ARG A 194 -1.13 -6.15 -38.67
C ARG A 194 -1.77 -6.21 -40.07
N SER A 195 -1.97 -7.40 -40.64
CA SER A 195 -2.64 -7.61 -41.95
C SER A 195 -4.09 -7.09 -41.90
N PHE A 196 -4.71 -6.99 -40.72
CA PHE A 196 -6.05 -6.38 -40.53
C PHE A 196 -5.96 -4.85 -40.59
N GLY A 197 -4.75 -4.27 -40.45
CA GLY A 197 -4.48 -2.87 -40.81
C GLY A 197 -3.93 -2.00 -39.68
N ALA A 198 -3.78 -2.53 -38.45
CA ALA A 198 -3.15 -1.80 -37.33
C ALA A 198 -1.66 -1.64 -37.62
N LYS A 199 -1.13 -0.42 -37.55
CA LYS A 199 0.25 -0.08 -38.00
C LYS A 199 1.29 -0.72 -37.08
N ILE A 200 1.06 -0.69 -35.76
CA ILE A 200 1.99 -1.28 -34.76
C ILE A 200 1.20 -2.21 -33.85
N ILE A 201 1.71 -3.42 -33.65
CA ILE A 201 1.19 -4.37 -32.63
C ILE A 201 2.20 -4.39 -31.50
N LEU A 202 1.73 -4.16 -30.28
CA LEU A 202 2.51 -4.38 -29.04
C LEU A 202 1.85 -5.54 -28.31
N ALA A 203 2.60 -6.62 -28.10
CA ALA A 203 2.11 -7.87 -27.48
C ALA A 203 2.95 -8.12 -26.22
N THR A 204 2.30 -8.29 -25.07
CA THR A 204 2.97 -8.73 -23.84
C THR A 204 2.66 -10.21 -23.63
N HIS A 205 3.62 -10.94 -23.07
CA HIS A 205 3.51 -12.39 -22.78
C HIS A 205 4.43 -12.67 -21.59
N ALA A 206 4.52 -13.93 -21.15
CA ALA A 206 5.35 -14.34 -20.00
C ALA A 206 6.77 -13.77 -20.18
N SER A 207 7.12 -12.83 -19.31
CA SER A 207 8.48 -12.23 -19.15
C SER A 207 8.94 -11.49 -20.42
N GLY A 208 8.05 -10.92 -21.24
CA GLY A 208 8.53 -10.08 -22.36
C GLY A 208 7.47 -9.31 -23.13
N VAL A 209 7.96 -8.38 -23.97
CA VAL A 209 7.14 -7.60 -24.94
C VAL A 209 7.66 -7.88 -26.36
N ILE A 210 6.72 -8.01 -27.30
CA ILE A 210 6.98 -8.13 -28.76
C ILE A 210 6.29 -6.94 -29.42
N VAL A 211 7.03 -6.15 -30.20
CA VAL A 211 6.47 -5.03 -30.99
C VAL A 211 6.67 -5.37 -32.47
N PHE A 212 5.62 -5.25 -33.27
CA PHE A 212 5.65 -5.58 -34.72
C PHE A 212 5.09 -4.42 -35.53
N ASP A 213 5.87 -3.91 -36.49
CA ASP A 213 5.45 -2.84 -37.43
C ASP A 213 5.76 -3.27 -38.86
N GLY A 214 5.85 -4.58 -39.10
CA GLY A 214 6.45 -5.17 -40.32
C GLY A 214 7.78 -5.84 -39.98
N ASN A 215 8.48 -5.31 -39.00
CA ASN A 215 9.68 -5.96 -38.39
C ASN A 215 9.40 -6.19 -36.91
N PHE A 216 10.02 -7.22 -36.33
CA PHE A 216 9.88 -7.57 -34.90
C PHE A 216 10.97 -6.90 -34.07
N TYR A 217 10.56 -6.38 -32.91
CA TYR A 217 11.41 -5.87 -31.83
C TYR A 217 10.96 -6.54 -30.55
N GLU A 218 11.89 -7.19 -29.84
CA GLU A 218 11.58 -7.95 -28.61
C GLU A 218 12.44 -7.41 -27.47
N ALA A 219 11.87 -7.35 -26.28
CA ALA A 219 12.58 -7.03 -25.02
C ALA A 219 11.99 -7.88 -23.90
N SER A 220 12.84 -8.41 -23.04
CA SER A 220 12.39 -9.23 -21.89
C SER A 220 12.09 -8.32 -20.68
N PHE A 221 11.16 -8.76 -19.84
CA PHE A 221 10.96 -8.22 -18.48
C PHE A 221 11.97 -8.95 -17.59
N ARG A 222 12.76 -8.20 -16.80
CA ARG A 222 13.87 -8.76 -16.00
C ARG A 222 13.45 -8.90 -14.53
N SER A 223 12.24 -8.47 -14.18
CA SER A 223 11.69 -8.59 -12.80
C SER A 223 10.30 -9.21 -12.87
N TRP A 224 9.90 -9.87 -11.78
CA TRP A 224 8.49 -10.26 -11.52
C TRP A 224 8.34 -10.58 -10.04
N SER A 225 7.11 -10.43 -9.54
CA SER A 225 6.74 -10.59 -8.11
C SER A 225 5.32 -11.15 -8.04
N LEU A 226 4.98 -11.77 -6.91
CA LEU A 226 3.73 -12.55 -6.74
C LEU A 226 2.53 -11.79 -7.33
N GLU A 227 2.40 -10.50 -7.02
CA GLU A 227 1.21 -9.68 -7.36
C GLU A 227 1.61 -8.51 -8.27
N GLY A 228 2.77 -8.62 -8.93
CA GLY A 228 3.34 -7.55 -9.77
C GLY A 228 2.81 -7.54 -11.20
N ARG A 229 2.10 -8.59 -11.63
CA ARG A 229 1.69 -8.79 -13.05
C ARG A 229 0.53 -7.86 -13.44
N THR A 230 -0.51 -7.76 -12.61
CA THR A 230 -1.73 -6.99 -12.96
C THR A 230 -1.32 -5.55 -13.29
N GLY A 231 -1.66 -5.10 -14.49
CA GLY A 231 -1.44 -3.74 -15.00
C GLY A 231 -0.11 -3.63 -15.73
N ARG A 232 0.67 -4.71 -15.83
CA ARG A 232 2.01 -4.66 -16.45
C ARG A 232 1.87 -4.40 -17.96
N GLY A 233 0.82 -4.92 -18.62
CA GLY A 233 0.50 -4.64 -20.03
C GLY A 233 0.09 -3.19 -20.23
N ASP A 234 -0.77 -2.68 -19.36
CA ASP A 234 -1.18 -1.26 -19.40
C ASP A 234 0.04 -0.37 -19.20
N THR A 235 0.92 -0.74 -18.26
CA THR A 235 2.17 -0.01 -17.97
C THR A 235 3.09 -0.02 -19.20
N CYS A 236 3.29 -1.19 -19.78
CA CYS A 236 4.12 -1.40 -20.99
C CYS A 236 3.60 -0.53 -22.15
N THR A 237 2.30 -0.51 -22.40
CA THR A 237 1.72 0.28 -23.51
C THR A 237 2.01 1.75 -23.26
N ALA A 238 1.74 2.22 -22.06
CA ALA A 238 1.91 3.65 -21.72
C ALA A 238 3.38 4.03 -21.87
N ALA A 239 4.30 3.18 -21.42
CA ALA A 239 5.76 3.42 -21.48
C ALA A 239 6.19 3.50 -22.95
N PHE A 240 5.69 2.59 -23.79
CA PHE A 240 5.99 2.59 -25.25
C PHE A 240 5.46 3.88 -25.87
N LEU A 241 4.24 4.28 -25.52
CA LEU A 241 3.64 5.50 -26.11
C LEU A 241 4.48 6.71 -25.71
N VAL A 242 4.93 6.79 -24.45
CA VAL A 242 5.79 7.92 -24.01
C VAL A 242 7.07 7.90 -24.85
N GLY A 243 7.73 6.74 -24.92
CA GLY A 243 9.02 6.60 -25.62
C GLY A 243 8.89 6.99 -27.09
N PHE A 244 7.90 6.43 -27.76
CA PHE A 244 7.80 6.45 -29.25
C PHE A 244 7.10 7.72 -29.72
N VAL A 245 5.98 8.10 -29.08
CA VAL A 245 5.15 9.25 -29.53
C VAL A 245 5.75 10.56 -29.01
N PHE A 246 6.20 10.59 -27.76
CA PHE A 246 6.51 11.87 -27.06
C PHE A 246 8.03 12.08 -26.97
N LYS A 247 8.82 11.03 -26.83
CA LYS A 247 10.29 11.16 -26.65
C LYS A 247 11.00 10.87 -27.97
N LYS A 248 10.27 10.56 -29.04
CA LYS A 248 10.85 10.39 -30.40
C LYS A 248 11.92 9.31 -30.40
N MET A 249 11.76 8.26 -29.60
CA MET A 249 12.64 7.05 -29.64
C MET A 249 12.30 6.26 -30.91
N SER A 250 13.25 5.51 -31.46
CA SER A 250 12.98 4.50 -32.50
C SER A 250 12.01 3.47 -31.92
N ILE A 251 11.28 2.75 -32.76
CA ILE A 251 10.40 1.64 -32.31
C ILE A 251 11.25 0.65 -31.48
N GLU A 252 12.47 0.34 -31.92
CA GLU A 252 13.38 -0.59 -31.21
C GLU A 252 13.64 -0.06 -29.80
N LYS A 253 14.05 1.20 -29.69
CA LYS A 253 14.42 1.81 -28.38
C LYS A 253 13.18 1.93 -27.49
N ALA A 254 12.05 2.36 -28.04
CA ALA A 254 10.78 2.47 -27.29
C ALA A 254 10.41 1.10 -26.69
N THR A 255 10.63 0.01 -27.43
CA THR A 255 10.32 -1.37 -26.98
C THR A 255 11.20 -1.69 -25.76
N LYS A 256 12.50 -1.39 -25.86
CA LYS A 256 13.45 -1.66 -24.76
C LYS A 256 13.07 -0.81 -23.55
N PHE A 257 12.78 0.47 -23.78
CA PHE A 257 12.33 1.42 -22.74
C PHE A 257 11.06 0.86 -22.08
N ALA A 258 10.10 0.44 -22.89
CA ALA A 258 8.80 -0.06 -22.38
C ALA A 258 9.05 -1.25 -21.45
N ALA A 259 9.88 -2.18 -21.86
CA ALA A 259 10.24 -3.39 -21.09
C ALA A 259 10.93 -2.99 -19.79
N ALA A 260 11.82 -2.00 -19.81
CA ALA A 260 12.54 -1.53 -18.60
C ALA A 260 11.54 -0.95 -17.59
N VAL A 261 10.61 -0.12 -18.03
CA VAL A 261 9.59 0.50 -17.14
C VAL A 261 8.72 -0.61 -16.53
N THR A 262 8.24 -1.53 -17.38
CA THR A 262 7.32 -2.63 -16.99
C THR A 262 8.01 -3.51 -15.95
N SER A 263 9.28 -3.84 -16.21
CA SER A 263 10.10 -4.65 -15.29
C SER A 263 10.06 -4.03 -13.89
N VAL A 264 10.29 -2.73 -13.77
CA VAL A 264 10.33 -2.10 -12.42
C VAL A 264 8.91 -2.15 -11.81
N LYS A 265 7.87 -1.90 -12.60
CA LYS A 265 6.48 -1.96 -12.09
C LYS A 265 6.17 -3.38 -11.61
N MET A 266 6.71 -4.40 -12.26
CA MET A 266 6.39 -5.82 -11.95
C MET A 266 7.06 -6.24 -10.62
N ARG A 267 7.89 -5.39 -10.01
CA ARG A 267 8.53 -5.69 -8.70
C ARG A 267 7.54 -5.50 -7.55
N HIS A 268 6.36 -4.92 -7.80
CA HIS A 268 5.38 -4.64 -6.72
C HIS A 268 3.95 -4.64 -7.27
N PRO A 269 2.95 -4.74 -6.39
CA PRO A 269 1.56 -4.61 -6.81
C PRO A 269 1.26 -3.15 -7.19
N GLY A 270 0.22 -2.97 -7.98
CA GLY A 270 -0.36 -1.65 -8.26
C GLY A 270 0.44 -0.91 -9.32
N PRO A 271 0.06 0.34 -9.63
CA PRO A 271 0.70 1.09 -10.70
C PRO A 271 2.14 1.47 -10.36
N LEU A 272 2.86 1.89 -11.40
CA LEU A 272 4.20 2.51 -11.29
C LEU A 272 4.17 3.56 -10.19
N ARG A 273 5.25 3.63 -9.41
CA ARG A 273 5.45 4.55 -8.27
C ARG A 273 6.56 5.54 -8.61
N ARG A 274 6.52 6.74 -8.02
CA ARG A 274 7.55 7.78 -8.21
C ARG A 274 8.93 7.21 -7.84
N GLU A 275 9.00 6.38 -6.80
CA GLU A 275 10.25 5.73 -6.31
C GLU A 275 10.83 4.75 -7.35
N ASP A 276 10.04 4.32 -8.34
CA ASP A 276 10.46 3.38 -9.42
C ASP A 276 11.31 4.12 -10.46
N LEU A 277 11.23 5.44 -10.54
CA LEU A 277 11.87 6.26 -11.59
C LEU A 277 13.39 6.10 -11.51
N GLU A 278 13.95 6.04 -10.31
CA GLU A 278 15.43 5.89 -10.14
C GLU A 278 15.88 4.58 -10.79
N ALA A 279 15.18 3.47 -10.51
CA ALA A 279 15.48 2.12 -11.02
C ALA A 279 15.32 2.08 -12.55
N ILE A 280 14.31 2.77 -13.08
CA ILE A 280 13.95 2.80 -14.53
C ILE A 280 15.04 3.54 -15.31
N SER A 281 15.43 4.71 -14.81
CA SER A 281 16.38 5.65 -15.45
C SER A 281 17.67 4.90 -15.82
N GLY A 282 18.14 4.01 -14.96
CA GLY A 282 19.43 3.31 -15.12
C GLY A 282 20.57 4.27 -15.40
N ASP A 283 20.47 5.50 -14.86
CA ASP A 283 21.39 6.64 -15.08
C ASP A 283 21.53 6.96 -16.58
N GLN A 284 20.45 6.81 -17.36
CA GLN A 284 20.45 7.01 -18.83
C GLN A 284 19.37 8.02 -19.25
N TYR A 285 18.12 7.80 -18.85
CA TYR A 285 16.93 8.50 -19.41
C TYR A 285 16.70 9.84 -18.71
N PHE A 286 16.63 9.86 -17.38
CA PHE A 286 16.24 11.08 -16.60
C PHE A 286 16.81 11.03 -15.18
N MET B 1 6.71 17.67 23.41
CA MET B 1 6.98 16.61 22.39
C MET B 1 7.14 15.25 23.07
N ILE B 2 6.98 14.19 22.29
CA ILE B 2 7.16 12.78 22.76
C ILE B 2 8.26 12.15 21.91
N THR B 3 9.12 11.33 22.53
CA THR B 3 10.10 10.51 21.82
C THR B 3 9.77 9.03 22.05
N PHE B 4 9.63 8.29 20.96
CA PHE B 4 9.49 6.81 20.97
C PHE B 4 10.88 6.22 20.73
N ILE B 5 11.30 5.27 21.56
CA ILE B 5 12.60 4.57 21.41
C ILE B 5 12.29 3.09 21.17
N GLY B 6 12.80 2.55 20.07
CA GLY B 6 12.50 1.17 19.69
C GLY B 6 12.97 0.86 18.30
N HIS B 7 13.23 -0.43 18.08
CA HIS B 7 13.62 -0.99 16.77
C HIS B 7 12.44 -0.88 15.78
N VAL B 8 12.73 -0.39 14.59
CA VAL B 8 11.88 -0.68 13.40
C VAL B 8 12.08 -2.15 13.06
N SER B 9 11.14 -2.76 12.35
CA SER B 9 11.15 -4.21 12.07
C SER B 9 10.73 -4.46 10.62
N LYS B 10 11.44 -5.35 9.96
CA LYS B 10 11.00 -6.03 8.73
C LYS B 10 10.07 -7.16 9.18
N ASP B 11 8.78 -6.86 9.27
CA ASP B 11 7.75 -7.80 9.79
C ASP B 11 7.36 -8.75 8.67
N VAL B 12 7.71 -10.03 8.81
CA VAL B 12 7.30 -11.11 7.88
C VAL B 12 6.05 -11.76 8.46
N ASN B 13 4.94 -11.76 7.71
CA ASN B 13 3.68 -12.40 8.15
C ASN B 13 3.35 -13.51 7.14
N VAL B 14 3.21 -14.73 7.62
CA VAL B 14 2.69 -15.88 6.82
C VAL B 14 1.33 -16.23 7.41
N VAL B 15 0.27 -15.72 6.78
CA VAL B 15 -1.15 -15.88 7.20
C VAL B 15 -1.85 -16.76 6.15
N ASP B 16 -2.19 -18.00 6.52
CA ASP B 16 -2.84 -19.01 5.64
C ASP B 16 -1.99 -19.19 4.36
N GLY B 17 -0.67 -19.33 4.53
CA GLY B 17 0.28 -19.67 3.45
C GLY B 17 0.53 -18.53 2.47
N LYS B 18 0.20 -17.29 2.84
CA LYS B 18 0.56 -16.08 2.08
C LYS B 18 1.58 -15.28 2.91
N ARG B 19 2.80 -15.13 2.37
CA ARG B 19 3.92 -14.39 3.01
C ARG B 19 3.82 -12.92 2.61
N GLU B 20 3.70 -12.03 3.60
CA GLU B 20 3.61 -10.55 3.42
C GLU B 20 4.76 -9.91 4.21
N ILE B 21 5.44 -8.95 3.60
CA ILE B 21 6.47 -8.09 4.26
C ILE B 21 5.82 -6.74 4.60
N ALA B 22 5.88 -6.34 5.86
CA ALA B 22 5.50 -4.98 6.31
C ALA B 22 6.72 -4.33 6.98
N TYR B 23 7.02 -3.09 6.62
CA TYR B 23 8.06 -2.28 7.31
C TYR B 23 7.38 -1.46 8.40
N GLY B 24 7.52 -1.95 9.64
CA GLY B 24 6.76 -1.41 10.79
C GLY B 24 7.61 -1.49 12.03
N GLY B 25 7.01 -1.98 13.11
CA GLY B 25 7.58 -1.94 14.47
C GLY B 25 6.72 -1.06 15.36
N GLY B 26 6.83 -1.25 16.68
CA GLY B 26 6.03 -0.51 17.67
C GLY B 26 6.18 0.98 17.49
N VAL B 27 7.42 1.44 17.33
CA VAL B 27 7.74 2.90 17.24
C VAL B 27 7.09 3.47 15.99
N VAL B 28 6.99 2.72 14.89
CA VAL B 28 6.36 3.21 13.63
C VAL B 28 4.89 3.47 13.91
N MET B 29 4.22 2.48 14.48
CA MET B 29 2.77 2.54 14.80
C MET B 29 2.52 3.65 15.81
N GLY B 30 3.29 3.70 16.89
CA GLY B 30 3.11 4.70 17.95
C GLY B 30 3.41 6.12 17.47
N ALA B 31 4.53 6.34 16.79
CA ALA B 31 4.99 7.70 16.45
C ALA B 31 4.09 8.33 15.38
N ILE B 32 3.65 7.53 14.41
CA ILE B 32 2.73 8.03 13.35
C ILE B 32 1.41 8.44 14.02
N THR B 33 0.93 7.70 15.02
CA THR B 33 -0.31 8.05 15.75
C THR B 33 -0.11 9.39 16.48
N SER B 34 0.95 9.53 17.27
CA SER B 34 1.16 10.78 18.06
C SER B 34 1.37 11.96 17.10
N SER B 35 2.09 11.75 15.99
CA SER B 35 2.43 12.85 15.04
C SER B 35 1.17 13.30 14.28
N LEU B 36 0.36 12.37 13.77
CA LEU B 36 -0.87 12.71 13.04
C LEU B 36 -1.88 13.37 14.00
N LEU B 37 -1.84 13.01 15.29
CA LEU B 37 -2.75 13.59 16.33
C LEU B 37 -2.17 14.92 16.84
N GLY B 38 -1.10 15.43 16.22
CA GLY B 38 -0.67 16.83 16.35
C GLY B 38 0.31 17.08 17.50
N VAL B 39 0.94 16.03 18.04
CA VAL B 39 2.02 16.21 19.06
C VAL B 39 3.38 16.02 18.37
N LYS B 40 4.30 16.98 18.58
CA LYS B 40 5.68 16.90 18.05
C LYS B 40 6.28 15.57 18.50
N THR B 41 6.66 14.73 17.54
CA THR B 41 7.05 13.31 17.78
C THR B 41 8.46 13.06 17.23
N LYS B 42 9.29 12.40 18.02
CA LYS B 42 10.64 11.94 17.59
C LYS B 42 10.71 10.42 17.74
N VAL B 43 11.44 9.77 16.86
CA VAL B 43 11.74 8.32 16.98
C VAL B 43 13.26 8.19 17.05
N ILE B 44 13.76 7.46 18.04
CA ILE B 44 15.16 6.97 18.03
C ILE B 44 15.09 5.48 17.75
N THR B 45 15.66 5.06 16.63
CA THR B 45 15.62 3.64 16.20
C THR B 45 17.00 3.21 15.75
N LYS B 46 17.13 1.93 15.42
CA LYS B 46 18.35 1.33 14.85
C LYS B 46 17.97 0.43 13.70
N CYS B 47 18.74 0.52 12.62
CA CYS B 47 18.62 -0.39 11.46
C CYS B 47 19.86 -0.15 10.59
N THR B 48 20.03 -0.97 9.57
CA THR B 48 21.13 -0.81 8.57
C THR B 48 20.86 0.49 7.79
N ARG B 49 21.93 1.16 7.38
CA ARG B 49 21.82 2.27 6.40
C ARG B 49 21.06 1.76 5.17
N GLU B 50 21.36 0.54 4.74
CA GLU B 50 20.76 -0.08 3.54
C GLU B 50 19.22 -0.03 3.64
N ASP B 51 18.66 -0.18 4.85
CA ASP B 51 17.19 -0.34 5.06
C ASP B 51 16.49 0.97 5.39
N VAL B 52 17.19 2.08 5.55
CA VAL B 52 16.54 3.38 5.94
C VAL B 52 15.38 3.70 4.99
N SER B 53 15.56 3.56 3.68
CA SER B 53 14.53 3.90 2.65
C SER B 53 13.25 3.08 2.85
N LYS B 54 13.32 1.94 3.52
CA LYS B 54 12.12 1.13 3.84
C LYS B 54 11.32 1.78 4.98
N PHE B 55 11.94 2.62 5.81
CA PHE B 55 11.29 3.17 7.04
C PHE B 55 11.21 4.70 7.04
N SER B 56 11.81 5.38 6.07
CA SER B 56 11.85 6.87 6.04
C SER B 56 10.47 7.46 5.74
N PHE B 57 9.48 6.65 5.35
CA PHE B 57 8.07 7.09 5.26
C PHE B 57 7.62 7.70 6.61
N LEU B 58 8.23 7.30 7.74
CA LEU B 58 7.99 7.92 9.07
C LEU B 58 7.99 9.45 8.95
N ARG B 59 8.94 10.01 8.20
CA ARG B 59 9.13 11.48 8.06
C ARG B 59 8.01 12.10 7.23
N ASP B 60 7.35 11.33 6.37
CA ASP B 60 6.22 11.81 5.53
C ASP B 60 5.03 12.10 6.45
N ASN B 61 5.03 11.53 7.67
CA ASN B 61 3.95 11.62 8.67
C ASN B 61 4.33 12.63 9.76
N GLY B 62 5.37 13.44 9.54
CA GLY B 62 5.76 14.56 10.42
C GLY B 62 6.64 14.12 11.57
N VAL B 63 7.11 12.85 11.55
CA VAL B 63 7.93 12.28 12.65
C VAL B 63 9.39 12.64 12.38
N GLU B 64 10.08 13.21 13.38
CA GLU B 64 11.54 13.41 13.35
C GLU B 64 12.18 12.07 13.69
N VAL B 65 13.10 11.58 12.86
CA VAL B 65 13.69 10.21 13.04
C VAL B 65 15.22 10.33 13.10
N VAL B 66 15.80 9.72 14.13
CA VAL B 66 17.25 9.44 14.20
C VAL B 66 17.41 7.94 13.91
N PHE B 67 17.86 7.61 12.71
CA PHE B 67 18.22 6.24 12.29
C PHE B 67 19.67 5.99 12.72
N LEU B 68 19.87 5.51 13.95
CA LEU B 68 21.22 5.14 14.49
C LEU B 68 21.70 3.90 13.75
N LYS B 69 22.97 3.89 13.35
CA LYS B 69 23.58 2.77 12.59
C LYS B 69 23.59 1.50 13.43
N SER B 70 23.20 0.40 12.79
CA SER B 70 23.35 -1.00 13.23
C SER B 70 23.70 -1.84 12.01
N PRO B 71 24.57 -2.87 12.12
CA PRO B 71 24.89 -3.72 10.96
C PRO B 71 23.75 -4.67 10.58
N ARG B 72 22.73 -4.74 11.44
CA ARG B 72 21.51 -5.58 11.27
C ARG B 72 20.27 -4.73 11.46
N THR B 73 19.20 -5.07 10.76
CA THR B 73 17.83 -4.57 11.01
C THR B 73 17.05 -5.70 11.68
N THR B 74 16.29 -5.38 12.73
CA THR B 74 15.36 -6.35 13.36
C THR B 74 14.36 -6.84 12.32
N SER B 75 14.11 -8.14 12.31
CA SER B 75 13.09 -8.76 11.44
C SER B 75 12.40 -9.86 12.23
N ILE B 76 11.09 -9.81 12.31
CA ILE B 76 10.27 -10.79 13.07
C ILE B 76 9.31 -11.45 12.08
N GLU B 77 9.30 -12.79 12.07
CA GLU B 77 8.37 -13.62 11.26
C GLU B 77 7.32 -14.24 12.19
N LEU B 78 6.04 -14.02 11.89
CA LEU B 78 4.89 -14.63 12.59
C LEU B 78 4.36 -15.81 11.76
N GLU B 88 3.51 -19.09 16.09
CA GLU B 88 4.98 -19.16 16.23
C GLU B 88 5.60 -17.82 15.79
N LEU B 89 6.43 -17.22 16.66
CA LEU B 89 7.16 -15.94 16.42
C LEU B 89 8.66 -16.25 16.34
N PHE B 90 9.34 -15.73 15.32
CA PHE B 90 10.79 -15.95 15.10
C PHE B 90 11.49 -14.60 14.97
N LEU B 91 12.55 -14.39 15.76
CA LEU B 91 13.47 -13.24 15.58
C LEU B 91 14.48 -13.61 14.51
N ILE B 92 14.16 -13.32 13.24
CA ILE B 92 14.94 -13.69 12.01
C ILE B 92 16.29 -12.98 12.07
N SER B 93 16.27 -11.71 12.47
CA SER B 93 17.47 -10.86 12.66
C SER B 93 17.17 -9.82 13.73
N ALA B 94 18.21 -9.40 14.46
CA ALA B 94 18.12 -8.45 15.57
C ALA B 94 19.14 -7.34 15.35
N ALA B 95 18.67 -6.10 15.22
CA ALA B 95 19.52 -4.90 15.27
C ALA B 95 20.23 -4.81 16.63
N ASP B 96 21.28 -4.00 16.70
CA ASP B 96 22.00 -3.74 17.97
C ASP B 96 21.02 -3.21 19.00
N PRO B 97 21.09 -3.67 20.26
CA PRO B 97 20.39 -3.02 21.36
C PRO B 97 20.74 -1.54 21.48
N PHE B 98 19.90 -0.80 22.21
CA PHE B 98 20.14 0.60 22.61
C PHE B 98 21.23 0.64 23.68
N THR B 99 21.98 1.73 23.67
CA THR B 99 23.04 2.03 24.66
C THR B 99 22.72 3.38 25.31
N GLU B 100 23.40 3.68 26.41
CA GLU B 100 23.18 4.96 27.14
C GLU B 100 23.48 6.13 26.20
N SER B 101 24.55 6.05 25.39
CA SER B 101 24.95 7.15 24.47
C SER B 101 23.84 7.43 23.44
N ASP B 102 23.05 6.41 23.06
CA ASP B 102 21.91 6.60 22.12
C ASP B 102 20.85 7.50 22.76
N LEU B 103 20.81 7.62 24.08
CA LEU B 103 19.79 8.38 24.85
C LEU B 103 20.29 9.79 25.19
N ALA B 104 21.51 10.14 24.78
CA ALA B 104 22.26 11.33 25.26
C ALA B 104 21.47 12.62 25.01
N PHE B 105 20.78 12.72 23.87
CA PHE B 105 20.14 13.97 23.38
C PHE B 105 18.64 14.00 23.70
N ILE B 106 18.16 13.11 24.59
CA ILE B 106 16.70 12.97 24.91
C ILE B 106 16.20 14.24 25.59
N GLU B 107 15.21 14.90 24.99
CA GLU B 107 14.51 16.10 25.51
C GLU B 107 13.00 15.89 25.37
N GLY B 108 12.19 16.87 25.80
CA GLY B 108 10.73 16.81 25.69
C GLY B 108 10.09 16.36 27.01
N GLU B 109 8.78 16.18 26.99
CA GLU B 109 7.94 15.92 28.18
C GLU B 109 7.79 14.42 28.41
N ALA B 110 7.85 13.61 27.34
CA ALA B 110 7.46 12.20 27.39
C ALA B 110 8.39 11.32 26.55
N VAL B 111 8.69 10.14 27.07
CA VAL B 111 9.39 9.07 26.34
C VAL B 111 8.58 7.79 26.49
N HIS B 112 8.37 7.09 25.37
CA HIS B 112 7.75 5.76 25.35
C HIS B 112 8.79 4.76 24.85
N ILE B 113 9.12 3.79 25.70
CA ILE B 113 10.03 2.67 25.38
C ILE B 113 9.17 1.61 24.70
N ASN B 114 9.42 1.34 23.42
CA ASN B 114 8.57 0.42 22.61
C ASN B 114 9.48 -0.64 21.98
N PRO B 115 10.06 -1.57 22.78
CA PRO B 115 10.98 -2.57 22.28
C PRO B 115 10.23 -3.80 21.76
N LEU B 116 10.86 -4.57 20.87
CA LEU B 116 10.23 -5.75 20.21
C LEU B 116 10.72 -7.07 20.82
N TRP B 117 11.83 -7.08 21.55
CA TRP B 117 12.40 -8.32 22.11
C TRP B 117 13.22 -7.98 23.35
N TYR B 118 13.21 -8.86 24.36
CA TYR B 118 14.00 -8.70 25.62
C TYR B 118 15.49 -8.63 25.27
N GLY B 119 16.13 -7.52 25.64
CA GLY B 119 17.55 -7.25 25.35
C GLY B 119 17.69 -6.08 24.39
N GLU B 120 16.64 -5.74 23.65
CA GLU B 120 16.66 -4.59 22.72
C GLU B 120 16.93 -3.30 23.52
N PHE B 121 16.13 -3.11 24.56
CA PHE B 121 16.25 -1.96 25.48
C PHE B 121 16.70 -2.49 26.84
N PRO B 122 18.02 -2.45 27.14
CA PRO B 122 18.51 -2.88 28.45
C PRO B 122 17.71 -2.20 29.57
N GLU B 123 17.21 -3.02 30.49
CA GLU B 123 16.34 -2.62 31.62
C GLU B 123 17.08 -1.58 32.48
N ASP B 124 18.42 -1.63 32.52
CA ASP B 124 19.23 -0.70 33.34
C ASP B 124 19.27 0.71 32.71
N LEU B 125 18.71 0.92 31.50
CA LEU B 125 18.60 2.27 30.90
C LEU B 125 17.28 2.93 31.31
N ILE B 126 16.37 2.20 31.94
CA ILE B 126 15.05 2.77 32.36
C ILE B 126 15.28 3.88 33.38
N PRO B 127 16.12 3.69 34.42
CA PRO B 127 16.44 4.79 35.34
C PRO B 127 17.11 5.98 34.66
N VAL B 128 17.95 5.73 33.64
CA VAL B 128 18.61 6.82 32.87
C VAL B 128 17.53 7.67 32.19
N LEU B 129 16.50 7.04 31.61
CA LEU B 129 15.42 7.78 30.89
C LEU B 129 14.54 8.50 31.91
N ARG B 130 14.32 7.89 33.08
CA ARG B 130 13.50 8.45 34.18
C ARG B 130 13.98 9.87 34.51
N ARG B 131 15.30 10.09 34.48
CA ARG B 131 15.94 11.36 34.91
C ARG B 131 15.81 12.44 33.83
N LYS B 132 15.45 12.06 32.59
CA LYS B 132 15.48 13.00 31.43
C LYS B 132 14.08 13.49 31.08
N VAL B 133 13.00 12.90 31.60
CA VAL B 133 11.63 13.26 31.13
C VAL B 133 10.63 13.23 32.28
N MET B 134 9.54 13.98 32.11
CA MET B 134 8.43 14.10 33.09
C MET B 134 7.55 12.85 33.03
N PHE B 135 7.33 12.29 31.84
CA PHE B 135 6.41 11.13 31.70
C PHE B 135 7.11 10.01 30.95
N LEU B 136 7.34 8.90 31.64
CA LEU B 136 8.04 7.72 31.09
C LEU B 136 7.06 6.54 31.01
N SER B 137 6.98 5.92 29.84
CA SER B 137 6.13 4.73 29.62
C SER B 137 6.91 3.67 28.86
N ALA B 138 6.47 2.42 28.98
CA ALA B 138 7.10 1.28 28.31
C ALA B 138 6.02 0.28 27.90
N ASP B 139 6.37 -0.51 26.89
CA ASP B 139 5.54 -1.60 26.34
C ASP B 139 6.11 -2.92 26.85
N ALA B 140 5.27 -3.77 27.44
CA ALA B 140 5.68 -5.06 28.07
C ALA B 140 6.34 -5.98 27.02
N GLN B 141 5.99 -5.84 25.74
CA GLN B 141 6.47 -6.76 24.67
C GLN B 141 7.99 -6.83 24.70
N GLY B 142 8.66 -5.71 24.98
CA GLY B 142 10.13 -5.62 24.95
C GLY B 142 10.77 -6.26 26.17
N PHE B 143 9.99 -6.73 27.15
CA PHE B 143 10.54 -7.29 28.43
C PHE B 143 10.09 -8.73 28.68
N VAL B 144 9.10 -9.23 27.97
CA VAL B 144 8.57 -10.61 28.19
C VAL B 144 8.68 -11.46 26.92
N ARG B 145 8.93 -10.84 25.75
CA ARG B 145 9.13 -11.57 24.47
C ARG B 145 10.63 -11.81 24.28
N VAL B 146 11.09 -13.03 24.59
CA VAL B 146 12.53 -13.36 24.81
C VAL B 146 13.02 -14.21 23.65
N PRO B 147 14.17 -13.85 23.01
CA PRO B 147 14.78 -14.68 21.97
C PRO B 147 15.39 -15.96 22.56
N GLU B 148 14.85 -17.11 22.19
CA GLU B 148 15.36 -18.46 22.57
C GLU B 148 15.60 -19.24 21.28
N ASN B 149 16.86 -19.28 20.84
CA ASN B 149 17.34 -19.88 19.57
C ASN B 149 16.50 -19.35 18.40
N GLU B 150 16.52 -18.03 18.19
CA GLU B 150 15.87 -17.34 17.04
C GLU B 150 14.36 -17.60 17.05
N LYS B 151 13.76 -17.77 18.23
CA LYS B 151 12.29 -17.89 18.48
C LYS B 151 11.91 -17.03 19.68
N LEU B 152 10.86 -16.21 19.55
CA LEU B 152 10.37 -15.30 20.62
C LEU B 152 9.36 -16.05 21.51
N VAL B 153 9.76 -16.29 22.77
N VAL B 153 9.75 -16.32 22.76
CA VAL B 153 8.97 -17.06 23.78
CA VAL B 153 8.91 -17.05 23.74
C VAL B 153 8.60 -16.10 24.91
C VAL B 153 8.59 -16.09 24.90
N TYR B 154 7.42 -16.27 25.51
CA TYR B 154 6.95 -15.44 26.65
C TYR B 154 7.60 -15.97 27.92
N ARG B 155 8.40 -15.11 28.57
CA ARG B 155 9.04 -15.40 29.88
C ARG B 155 8.82 -14.20 30.79
N ASP B 156 8.62 -14.46 32.08
CA ASP B 156 8.42 -13.39 33.09
C ASP B 156 9.61 -12.44 33.02
N TRP B 157 9.38 -11.17 33.33
CA TRP B 157 10.44 -10.13 33.47
C TRP B 157 11.01 -10.21 34.89
N GLU B 158 12.18 -10.83 35.02
CA GLU B 158 12.83 -11.16 36.32
C GLU B 158 12.84 -9.93 37.23
N MET B 159 13.27 -8.77 36.69
CA MET B 159 13.51 -7.53 37.48
C MET B 159 12.35 -6.54 37.29
N LYS B 160 11.16 -7.02 36.92
CA LYS B 160 9.95 -6.16 36.77
C LYS B 160 9.72 -5.32 38.03
N GLU B 161 9.87 -5.90 39.23
CA GLU B 161 9.52 -5.19 40.49
C GLU B 161 10.49 -4.03 40.70
N LYS B 162 11.74 -4.17 40.26
CA LYS B 162 12.76 -3.09 40.37
C LYS B 162 12.42 -1.95 39.42
N TYR B 163 12.02 -2.24 38.18
CA TYR B 163 11.97 -1.23 37.10
C TYR B 163 10.56 -0.67 36.88
N LEU B 164 9.48 -1.40 37.18
CA LEU B 164 8.11 -0.87 36.94
C LEU B 164 7.89 0.41 37.76
N LYS B 165 8.56 0.55 38.91
CA LYS B 165 8.44 1.73 39.81
C LYS B 165 8.86 3.02 39.09
N TYR B 166 9.62 2.90 38.00
CA TYR B 166 10.13 4.08 37.23
C TYR B 166 9.10 4.53 36.19
N LEU B 167 8.05 3.77 35.92
CA LEU B 167 7.13 4.02 34.78
C LEU B 167 5.86 4.75 35.24
N ASP B 168 5.51 5.82 34.54
CA ASP B 168 4.18 6.48 34.68
C ASP B 168 3.10 5.66 33.97
N LEU B 169 3.44 4.89 32.94
CA LEU B 169 2.47 4.01 32.24
C LEU B 169 3.18 2.77 31.71
N PHE B 170 2.51 1.62 31.82
CA PHE B 170 3.03 0.33 31.30
C PHE B 170 1.92 -0.29 30.44
N LYS B 171 2.26 -0.60 29.19
CA LYS B 171 1.37 -1.21 28.18
C LYS B 171 1.53 -2.73 28.20
N VAL B 172 0.39 -3.43 28.27
CA VAL B 172 0.30 -4.92 28.17
C VAL B 172 -0.80 -5.30 27.18
N ASP B 173 -0.72 -6.52 26.65
CA ASP B 173 -1.89 -7.24 26.09
C ASP B 173 -2.13 -8.47 26.97
N SER B 174 -3.08 -9.32 26.61
CA SER B 174 -3.53 -10.45 27.46
C SER B 174 -2.36 -11.40 27.72
N ARG B 175 -1.64 -11.81 26.67
CA ARG B 175 -0.53 -12.80 26.77
C ARG B 175 0.60 -12.19 27.61
N GLU B 176 0.90 -10.90 27.44
CA GLU B 176 1.98 -10.26 28.22
C GLU B 176 1.58 -10.12 29.68
N ALA B 177 0.36 -9.68 29.95
CA ALA B 177 -0.21 -9.55 31.31
C ALA B 177 -0.12 -10.91 32.04
N GLU B 178 -0.56 -11.99 31.38
CA GLU B 178 -0.58 -13.36 31.97
C GLU B 178 0.84 -13.84 32.25
N THR B 179 1.79 -13.56 31.34
CA THR B 179 3.22 -13.91 31.54
C THR B 179 3.74 -13.26 32.84
N LEU B 180 3.28 -12.05 33.15
CA LEU B 180 3.79 -11.20 34.25
C LEU B 180 3.10 -11.55 35.58
N THR B 181 1.88 -12.10 35.54
CA THR B 181 1.02 -12.26 36.75
C THR B 181 0.58 -13.71 36.99
N GLY B 182 0.59 -14.57 35.98
CA GLY B 182 0.07 -15.95 36.07
C GLY B 182 -1.45 -16.05 36.00
N THR B 183 -2.17 -14.93 35.80
CA THR B 183 -3.64 -14.94 35.63
C THR B 183 -4.03 -14.38 34.26
N ASN B 184 -5.00 -15.01 33.59
CA ASN B 184 -5.61 -14.52 32.33
C ASN B 184 -6.81 -13.62 32.62
N ASP B 185 -7.01 -13.22 33.89
CA ASP B 185 -7.96 -12.15 34.28
C ASP B 185 -7.23 -10.81 34.12
N LEU B 186 -7.50 -10.12 33.03
CA LEU B 186 -6.70 -8.93 32.61
C LEU B 186 -6.87 -7.82 33.65
N ARG B 187 -8.06 -7.66 34.23
CA ARG B 187 -8.29 -6.68 35.31
C ARG B 187 -7.45 -7.06 36.54
N GLU B 188 -7.44 -8.34 36.94
CA GLU B 188 -6.58 -8.80 38.06
C GLU B 188 -5.11 -8.54 37.72
N SER B 189 -4.69 -8.77 36.46
CA SER B 189 -3.30 -8.51 36.01
C SER B 189 -2.98 -7.03 36.19
N CYS B 190 -3.89 -6.14 35.81
CA CYS B 190 -3.72 -4.68 35.99
C CYS B 190 -3.45 -4.37 37.45
N ARG B 191 -4.23 -4.93 38.39
CA ARG B 191 -4.06 -4.70 39.84
C ARG B 191 -2.68 -5.18 40.29
N ILE B 192 -2.29 -6.40 39.90
CA ILE B 192 -0.99 -7.03 40.27
C ILE B 192 0.16 -6.16 39.72
N ILE B 193 0.12 -5.76 38.45
CA ILE B 193 1.25 -5.02 37.82
C ILE B 193 1.35 -3.62 38.43
N ARG B 194 0.21 -2.96 38.68
CA ARG B 194 0.23 -1.65 39.38
C ARG B 194 0.83 -1.82 40.78
N SER B 195 0.61 -2.97 41.41
CA SER B 195 1.20 -3.28 42.75
C SER B 195 2.74 -3.30 42.66
N PHE B 196 3.31 -3.56 41.48
CA PHE B 196 4.77 -3.67 41.23
C PHE B 196 5.39 -2.26 41.12
N GLY B 197 4.58 -1.22 40.91
CA GLY B 197 5.01 0.18 41.01
C GLY B 197 4.66 1.05 39.80
N ALA B 198 4.22 0.47 38.67
CA ALA B 198 3.77 1.25 37.48
C ALA B 198 2.50 2.01 37.84
N LYS B 199 2.45 3.32 37.57
CA LYS B 199 1.38 4.24 38.04
C LYS B 199 0.07 3.99 37.26
N ILE B 200 0.17 3.79 35.94
CA ILE B 200 -0.99 3.47 35.05
C ILE B 200 -0.67 2.21 34.27
N ILE B 201 -1.62 1.28 34.25
CA ILE B 201 -1.58 0.08 33.37
C ILE B 201 -2.57 0.32 32.24
N LEU B 202 -2.11 0.21 30.99
CA LEU B 202 -2.99 0.22 29.79
C LEU B 202 -2.93 -1.17 29.18
N ALA B 203 -4.07 -1.85 29.11
CA ALA B 203 -4.15 -3.25 28.64
C ALA B 203 -5.08 -3.30 27.43
N THR B 204 -4.62 -3.90 26.34
CA THR B 204 -5.48 -4.13 25.15
C THR B 204 -5.78 -5.63 25.08
N HIS B 205 -6.99 -5.96 24.65
CA HIS B 205 -7.52 -7.33 24.48
C HIS B 205 -8.53 -7.29 23.34
N ALA B 206 -9.14 -8.42 23.00
CA ALA B 206 -10.10 -8.54 21.88
C ALA B 206 -11.17 -7.44 22.02
N SER B 207 -11.20 -6.52 21.05
CA SER B 207 -12.19 -5.44 20.90
C SER B 207 -12.27 -4.46 22.08
N GLY B 208 -11.19 -4.21 22.86
CA GLY B 208 -11.24 -3.15 23.88
C GLY B 208 -9.92 -2.76 24.54
N VAL B 209 -9.96 -1.64 25.26
CA VAL B 209 -8.83 -1.16 26.12
C VAL B 209 -9.31 -1.08 27.57
N ILE B 210 -8.45 -1.51 28.48
CA ILE B 210 -8.63 -1.41 29.96
C ILE B 210 -7.51 -0.51 30.49
N VAL B 211 -7.86 0.58 31.18
CA VAL B 211 -6.86 1.49 31.79
C VAL B 211 -7.06 1.42 33.30
N PHE B 212 -5.99 1.28 34.07
CA PHE B 212 -6.04 1.13 35.55
C PHE B 212 -5.03 2.06 36.22
N ASP B 213 -5.51 2.91 37.13
CA ASP B 213 -4.64 3.81 37.95
C ASP B 213 -4.99 3.66 39.43
N GLY B 214 -5.58 2.52 39.81
CA GLY B 214 -6.28 2.33 41.09
C GLY B 214 -7.78 2.21 40.89
N ASN B 215 -8.31 2.87 39.84
CA ASN B 215 -9.68 2.66 39.32
C ASN B 215 -9.60 2.19 37.87
N PHE B 216 -10.66 1.55 37.37
CA PHE B 216 -10.77 0.98 36.01
C PHE B 216 -11.54 1.91 35.09
N TYR B 217 -11.01 2.07 33.88
CA TYR B 217 -11.60 2.82 32.75
C TYR B 217 -11.54 1.89 31.55
N GLU B 218 -12.68 1.67 30.89
CA GLU B 218 -12.78 0.68 29.79
C GLU B 218 -13.47 1.33 28.60
N ALA B 219 -13.00 1.05 27.40
CA ALA B 219 -13.64 1.47 26.13
C ALA B 219 -13.47 0.36 25.11
N SER B 220 -14.53 0.05 24.37
CA SER B 220 -14.55 -1.01 23.33
C SER B 220 -13.95 -0.48 22.03
N PHE B 221 -13.29 -1.34 21.26
CA PHE B 221 -12.95 -1.08 19.84
C PHE B 221 -14.18 -1.46 19.03
N ARG B 222 -14.57 -0.60 18.08
CA ARG B 222 -15.86 -0.67 17.36
C ARG B 222 -15.61 -0.99 15.88
N SER B 223 -14.36 -1.21 15.49
CA SER B 223 -13.98 -1.65 14.13
C SER B 223 -12.95 -2.77 14.22
N TRP B 224 -12.92 -3.61 13.21
CA TRP B 224 -11.77 -4.52 12.95
C TRP B 224 -11.84 -5.02 11.52
N SER B 225 -10.69 -5.44 11.02
CA SER B 225 -10.49 -5.89 9.62
C SER B 225 -9.38 -6.94 9.62
N LEU B 226 -9.36 -7.76 8.59
CA LEU B 226 -8.55 -9.01 8.50
C LEU B 226 -7.12 -8.78 9.01
N GLU B 227 -6.48 -7.70 8.57
CA GLU B 227 -5.05 -7.41 8.85
C GLU B 227 -4.91 -6.11 9.67
N GLY B 228 -5.98 -5.68 10.34
CA GLY B 228 -6.04 -4.38 11.05
C GLY B 228 -5.50 -4.45 12.47
N ARG B 229 -5.21 -5.64 12.99
CA ARG B 229 -4.89 -5.83 14.43
C ARG B 229 -3.45 -5.39 14.73
N THR B 230 -2.49 -5.75 13.86
CA THR B 230 -1.04 -5.51 14.13
C THR B 230 -0.83 -4.00 14.27
N GLY B 231 -0.26 -3.58 15.41
CA GLY B 231 0.00 -2.18 15.74
C GLY B 231 -1.16 -1.50 16.44
N ARG B 232 -2.28 -2.18 16.70
CA ARG B 232 -3.45 -1.54 17.34
C ARG B 232 -3.13 -1.21 18.80
N GLY B 233 -2.32 -2.04 19.49
CA GLY B 233 -1.82 -1.77 20.86
C GLY B 233 -0.88 -0.58 20.89
N ASP B 234 0.05 -0.52 19.95
CA ASP B 234 0.98 0.63 19.79
C ASP B 234 0.18 1.90 19.47
N THR B 235 -0.82 1.78 18.61
CA THR B 235 -1.69 2.92 18.23
C THR B 235 -2.45 3.42 19.47
N CYS B 236 -3.07 2.48 20.20
CA CYS B 236 -3.86 2.78 21.43
C CYS B 236 -3.00 3.49 22.46
N THR B 237 -1.80 2.98 22.71
CA THR B 237 -0.88 3.58 23.70
C THR B 237 -0.58 5.03 23.29
N ALA B 238 -0.19 5.25 22.03
CA ALA B 238 0.18 6.58 21.50
C ALA B 238 -1.01 7.54 21.63
N ALA B 239 -2.21 7.10 21.26
CA ALA B 239 -3.46 7.90 21.34
C ALA B 239 -3.77 8.26 22.80
N PHE B 240 -3.63 7.31 23.72
CA PHE B 240 -3.81 7.57 25.17
C PHE B 240 -2.80 8.63 25.62
N LEU B 241 -1.54 8.47 25.23
CA LEU B 241 -0.46 9.40 25.67
C LEU B 241 -0.76 10.81 25.14
N VAL B 242 -1.19 10.94 23.88
CA VAL B 242 -1.59 12.27 23.33
C VAL B 242 -2.71 12.83 24.21
N GLY B 243 -3.80 12.08 24.38
CA GLY B 243 -4.98 12.55 25.14
C GLY B 243 -4.60 12.97 26.55
N PHE B 244 -3.89 12.13 27.28
CA PHE B 244 -3.71 12.25 28.75
C PHE B 244 -2.53 13.16 29.07
N VAL B 245 -1.40 13.00 28.38
CA VAL B 245 -0.15 13.76 28.69
C VAL B 245 -0.17 15.13 28.02
N PHE B 246 -0.67 15.24 26.79
CA PHE B 246 -0.53 16.45 25.95
C PHE B 246 -1.87 17.22 25.83
N LYS B 247 -3.02 16.56 25.80
CA LYS B 247 -4.31 17.25 25.50
C LYS B 247 -5.17 17.37 26.77
N LYS B 248 -4.59 17.16 27.95
CA LYS B 248 -5.23 17.50 29.24
C LYS B 248 -6.58 16.76 29.38
N MET B 249 -6.74 15.58 28.79
CA MET B 249 -7.97 14.77 28.98
C MET B 249 -7.92 14.11 30.37
N SER B 250 -9.08 13.88 30.99
CA SER B 250 -9.20 12.96 32.15
C SER B 250 -8.74 11.58 31.70
N ILE B 251 -8.32 10.71 32.62
CA ILE B 251 -7.90 9.33 32.24
C ILE B 251 -9.09 8.63 31.55
N GLU B 252 -10.30 8.87 32.02
CA GLU B 252 -11.52 8.24 31.44
C GLU B 252 -11.65 8.69 29.98
N LYS B 253 -11.60 10.00 29.75
CA LYS B 253 -11.70 10.60 28.39
C LYS B 253 -10.53 10.11 27.51
N ALA B 254 -9.31 10.06 28.05
CA ALA B 254 -8.12 9.60 27.31
C ALA B 254 -8.33 8.15 26.83
N THR B 255 -8.92 7.31 27.67
CA THR B 255 -9.21 5.88 27.36
C THR B 255 -10.21 5.81 26.20
N LYS B 256 -11.29 6.58 26.27
CA LYS B 256 -12.34 6.59 25.23
C LYS B 256 -11.73 7.10 23.93
N PHE B 257 -10.93 8.15 24.01
CA PHE B 257 -10.22 8.73 22.86
C PHE B 257 -9.29 7.66 22.26
N ALA B 258 -8.52 6.96 23.10
CA ALA B 258 -7.56 5.94 22.64
C ALA B 258 -8.33 4.83 21.91
N ALA B 259 -9.48 4.39 22.45
CA ALA B 259 -10.29 3.34 21.81
C ALA B 259 -10.82 3.83 20.46
N ALA B 260 -11.22 5.10 20.36
CA ALA B 260 -11.76 5.66 19.11
C ALA B 260 -10.66 5.73 18.05
N VAL B 261 -9.46 6.19 18.41
CA VAL B 261 -8.33 6.27 17.42
C VAL B 261 -7.97 4.86 16.95
N THR B 262 -7.82 3.94 17.90
CA THR B 262 -7.45 2.53 17.64
C THR B 262 -8.49 1.90 16.70
N SER B 263 -9.77 2.13 16.96
CA SER B 263 -10.88 1.57 16.15
C SER B 263 -10.71 1.95 14.68
N VAL B 264 -10.43 3.22 14.39
CA VAL B 264 -10.30 3.68 12.99
C VAL B 264 -9.03 3.06 12.39
N LYS B 265 -7.95 2.98 13.17
CA LYS B 265 -6.70 2.33 12.68
C LYS B 265 -6.97 0.86 12.32
N MET B 266 -7.83 0.18 13.08
CA MET B 266 -8.06 -1.28 12.92
C MET B 266 -8.95 -1.55 11.68
N ARG B 267 -9.34 -0.52 10.94
CA ARG B 267 -10.17 -0.68 9.71
C ARG B 267 -9.27 -1.06 8.53
N HIS B 268 -7.94 -0.95 8.68
CA HIS B 268 -6.98 -1.17 7.57
C HIS B 268 -5.67 -1.70 8.13
N PRO B 269 -4.80 -2.29 7.27
CA PRO B 269 -3.47 -2.69 7.71
C PRO B 269 -2.58 -1.46 7.89
N GLY B 270 -1.50 -1.62 8.66
CA GLY B 270 -0.44 -0.60 8.76
C GLY B 270 -0.85 0.52 9.71
N PRO B 271 0.02 1.55 9.86
CA PRO B 271 -0.21 2.62 10.82
C PRO B 271 -1.42 3.48 10.46
N LEU B 272 -1.87 4.28 11.44
CA LEU B 272 -2.88 5.34 11.29
C LEU B 272 -2.51 6.20 10.07
N ARG B 273 -3.51 6.62 9.31
CA ARG B 273 -3.33 7.43 8.07
C ARG B 273 -3.93 8.81 8.26
N ARG B 274 -3.43 9.80 7.52
CA ARG B 274 -3.96 11.19 7.53
C ARG B 274 -5.49 11.14 7.32
N GLU B 275 -5.95 10.29 6.41
CA GLU B 275 -7.39 10.18 6.00
C GLU B 275 -8.23 9.65 7.17
N ASP B 276 -7.62 8.92 8.11
CA ASP B 276 -8.31 8.36 9.32
C ASP B 276 -8.74 9.49 10.26
N LEU B 277 -8.11 10.67 10.18
CA LEU B 277 -8.32 11.78 11.14
C LEU B 277 -9.76 12.30 11.07
N GLU B 278 -10.38 12.32 9.90
CA GLU B 278 -11.78 12.80 9.77
C GLU B 278 -12.72 11.85 10.54
N ALA B 279 -12.49 10.53 10.42
CA ALA B 279 -13.27 9.48 11.11
C ALA B 279 -13.03 9.55 12.62
N ILE B 280 -11.80 9.88 13.03
CA ILE B 280 -11.37 10.02 14.46
C ILE B 280 -12.09 11.22 15.08
N SER B 281 -12.10 12.36 14.38
CA SER B 281 -12.55 13.66 14.90
C SER B 281 -13.98 13.55 15.43
N GLY B 282 -14.85 12.82 14.72
CA GLY B 282 -16.29 12.74 15.00
C GLY B 282 -16.89 14.13 15.14
N ASP B 283 -16.36 15.10 14.38
CA ASP B 283 -16.71 16.54 14.42
C ASP B 283 -16.66 17.03 15.88
N GLN B 284 -15.65 16.60 16.63
CA GLN B 284 -15.49 16.89 18.08
C GLN B 284 -14.08 17.40 18.36
N TYR B 285 -13.05 16.64 18.00
CA TYR B 285 -11.65 16.85 18.47
C TYR B 285 -10.97 17.92 17.60
N PHE B 286 -10.96 17.73 16.28
CA PHE B 286 -10.17 18.55 15.34
C PHE B 286 -10.75 18.47 13.91
O3 MDN C . -1.86 -5.11 -18.03
P1 MDN C . -2.74 -6.34 -17.85
O1 MDN C . -3.15 -6.55 -16.40
O2 MDN C . -3.93 -6.33 -18.77
C4 MDN C . -1.73 -7.81 -18.21
P5 MDN C . -1.22 -8.17 -19.92
O6 MDN C . 0.24 -7.89 -20.03
O7 MDN C . -1.52 -9.64 -20.06
O8 MDN C . -2.03 -7.36 -20.87
MG MG D . -3.95 -6.40 -20.91
O3 MDN E . 0.54 -5.20 17.46
P1 MDN E . 0.29 -4.78 18.89
O1 MDN E . 1.44 -5.20 19.77
O2 MDN E . 0.01 -3.29 19.01
C4 MDN E . -1.18 -5.70 19.37
P5 MDN E . -1.71 -5.64 21.08
O6 MDN E . -0.62 -5.09 21.93
O7 MDN E . -2.00 -7.07 21.43
O8 MDN E . -2.94 -4.78 21.14
MG MG F . 1.58 -5.07 21.95
#